data_2V2K
#
_entry.id   2V2K
#
_cell.length_a   54.581
_cell.length_b   54.526
_cell.length_c   135.382
_cell.angle_alpha   90.00
_cell.angle_beta   90.00
_cell.angle_gamma   90.00
#
_symmetry.space_group_name_H-M   'C 2 2 21'
#
loop_
_entity.id
_entity.type
_entity.pdbx_description
1 polymer FERREDOXIN
2 non-polymer 'FE3-S4 CLUSTER'
3 non-polymer 'ACETATE ION'
4 water water
#
_entity_poly.entity_id   1
_entity_poly.type   'polypeptide(L)'
_entity_poly.pdbx_seq_one_letter_code
;TYVIAEPCVDVKDKACIEECPVDCIYEGARMLYIHPDECVD(CSS)GACEPVCPVEAIYYEDDVPDQWSSYAQANADFFA
ELGSPGGASKVGQTDNDPQAIKDLPPQGE
;
_entity_poly.pdbx_strand_id   A,B
#
loop_
_chem_comp.id
_chem_comp.type
_chem_comp.name
_chem_comp.formula
ACT non-polymer 'ACETATE ION' 'C2 H3 O2 -1'
F3S non-polymer 'FE3-S4 CLUSTER' 'Fe3 S4'
#
# COMPACT_ATOMS: atom_id res chain seq x y z
N THR A 1 -3.55 -11.36 2.26
CA THR A 1 -4.62 -10.40 2.51
C THR A 1 -5.32 -10.68 3.83
N TYR A 2 -5.97 -9.65 4.37
CA TYR A 2 -6.86 -9.82 5.48
C TYR A 2 -8.32 -9.88 4.93
N VAL A 3 -9.23 -10.40 5.76
CA VAL A 3 -10.61 -10.76 5.38
C VAL A 3 -11.59 -10.29 6.46
N ILE A 4 -12.68 -9.61 6.05
CA ILE A 4 -13.79 -9.31 6.96
CA ILE A 4 -13.81 -9.31 6.93
C ILE A 4 -14.81 -10.46 6.87
N ALA A 5 -15.16 -11.00 8.03
CA ALA A 5 -16.09 -12.14 8.17
C ALA A 5 -17.45 -11.72 8.80
N GLU A 6 -18.29 -12.71 9.12
CA GLU A 6 -19.72 -12.51 9.47
C GLU A 6 -20.05 -11.51 10.60
N PRO A 7 -19.18 -11.35 11.63
CA PRO A 7 -19.52 -10.39 12.68
C PRO A 7 -19.72 -8.93 12.26
N CYS A 8 -19.15 -8.53 11.13
CA CYS A 8 -19.39 -7.19 10.60
C CYS A 8 -20.82 -6.96 10.10
N VAL A 9 -21.52 -8.02 9.70
CA VAL A 9 -22.81 -7.90 8.98
C VAL A 9 -23.83 -7.20 9.85
N ASP A 10 -24.36 -6.09 9.33
CA ASP A 10 -25.32 -5.22 10.01
C ASP A 10 -24.79 -4.65 11.35
N VAL A 11 -23.46 -4.60 11.48
CA VAL A 11 -22.79 -3.89 12.57
C VAL A 11 -22.04 -2.70 11.99
N LYS A 12 -21.09 -2.97 11.09
CA LYS A 12 -20.35 -1.89 10.39
C LYS A 12 -19.84 -0.76 11.31
N ASP A 13 -19.02 -1.12 12.31
CA ASP A 13 -18.54 -0.11 13.26
C ASP A 13 -17.67 0.97 12.59
N LYS A 14 -16.88 0.52 11.60
CA LYS A 14 -16.02 1.34 10.74
C LYS A 14 -14.77 1.91 11.46
N ALA A 15 -14.38 1.35 12.59
CA ALA A 15 -13.11 1.69 13.21
C ALA A 15 -11.92 1.34 12.31
N CYS A 16 -12.05 0.22 11.59
CA CYS A 16 -11.00 -0.32 10.69
C CYS A 16 -10.55 0.62 9.58
N ILE A 17 -11.50 1.35 8.99
CA ILE A 17 -11.17 2.21 7.85
C ILE A 17 -10.17 3.30 8.22
N GLU A 18 -10.28 3.82 9.44
CA GLU A 18 -9.30 4.77 9.95
C GLU A 18 -7.86 4.29 9.77
N GLU A 19 -7.64 3.01 10.05
CA GLU A 19 -6.29 2.49 10.26
C GLU A 19 -5.55 2.06 8.98
N CYS A 20 -6.26 1.84 7.87
CA CYS A 20 -5.65 1.23 6.69
C CYS A 20 -4.87 2.27 5.88
N PRO A 21 -3.54 2.11 5.76
CA PRO A 21 -2.70 3.03 5.00
C PRO A 21 -2.98 3.10 3.50
N VAL A 22 -3.53 2.01 2.94
CA VAL A 22 -3.83 1.99 1.49
C VAL A 22 -5.33 2.21 1.18
N ASP A 23 -6.16 2.45 2.20
CA ASP A 23 -7.57 2.75 2.01
C ASP A 23 -8.29 1.70 1.12
N CYS A 24 -8.05 0.42 1.43
CA CYS A 24 -8.61 -0.72 0.63
C CYS A 24 -9.81 -1.45 1.25
N ILE A 25 -10.47 -0.81 2.23
CA ILE A 25 -11.62 -1.37 2.92
C ILE A 25 -12.86 -0.60 2.46
N TYR A 26 -13.71 -1.29 1.71
CA TYR A 26 -14.83 -0.68 0.98
C TYR A 26 -16.18 -1.06 1.59
N GLU A 27 -17.13 -0.13 1.51
CA GLU A 27 -18.42 -0.32 2.18
C GLU A 27 -19.55 -0.81 1.25
N GLY A 28 -20.20 -1.90 1.65
CA GLY A 28 -21.42 -2.39 1.00
C GLY A 28 -22.64 -2.04 1.86
N ALA A 29 -23.81 -2.47 1.42
CA ALA A 29 -25.04 -2.33 2.19
C ALA A 29 -25.03 -3.11 3.51
N ARG A 30 -24.45 -4.31 3.51
CA ARG A 30 -24.48 -5.23 4.65
C ARG A 30 -23.23 -5.26 5.53
N MET A 31 -22.07 -5.01 4.93
CA MET A 31 -20.78 -5.08 5.64
C MET A 31 -19.71 -4.30 4.86
N LEU A 32 -18.51 -4.23 5.45
CA LEU A 32 -17.32 -3.76 4.73
C LEU A 32 -16.52 -4.97 4.20
N TYR A 33 -15.70 -4.70 3.18
CA TYR A 33 -14.95 -5.71 2.40
C TYR A 33 -13.53 -5.23 2.14
N ILE A 34 -12.55 -6.09 2.39
CA ILE A 34 -11.12 -5.78 2.13
C ILE A 34 -10.79 -6.22 0.70
N HIS A 35 -10.26 -5.30 -0.10
CA HIS A 35 -9.88 -5.66 -1.48
C HIS A 35 -8.61 -6.49 -1.48
N PRO A 36 -8.71 -7.76 -1.89
CA PRO A 36 -7.58 -8.70 -1.79
C PRO A 36 -6.39 -8.39 -2.73
N ASP A 37 -6.60 -7.60 -3.76
CA ASP A 37 -5.53 -7.17 -4.67
C ASP A 37 -4.93 -5.81 -4.32
N GLU A 38 -5.48 -5.13 -3.31
CA GLU A 38 -4.99 -3.86 -2.83
C GLU A 38 -4.39 -3.97 -1.41
N CYS A 39 -4.92 -4.87 -0.60
CA CYS A 39 -4.40 -5.10 0.75
C CYS A 39 -2.94 -5.56 0.69
N VAL A 40 -2.08 -4.91 1.48
CA VAL A 40 -0.67 -5.30 1.59
C VAL A 40 -0.27 -5.83 2.98
N ASP A 41 -1.25 -6.38 3.71
CA ASP A 41 -1.05 -7.07 4.99
C ASP A 41 -0.43 -6.15 6.03
N CSS A 42 -0.82 -4.71 6.03
CA CSS A 42 -0.33 -3.80 7.07
CB CSS A 42 -0.91 -2.41 6.80
SG CSS A 42 -0.18 -1.80 5.28
SD CSS A 42 1.80 -1.34 5.66
C CSS A 42 -0.75 -4.26 8.44
O CSS A 42 0.03 -4.22 9.43
N GLY A 43 -2.19 -4.88 8.58
CA GLY A 43 -2.67 -5.51 9.83
C GLY A 43 -3.14 -4.51 10.85
N ALA A 44 -3.15 -3.20 10.49
CA ALA A 44 -3.56 -2.13 11.43
C ALA A 44 -5.07 -2.14 11.72
N CYS A 45 -5.84 -2.69 10.78
CA CYS A 45 -7.31 -2.76 10.88
C CYS A 45 -7.76 -3.79 11.91
N GLU A 46 -7.04 -4.91 12.01
CA GLU A 46 -7.51 -6.06 12.75
C GLU A 46 -7.69 -5.82 14.25
N PRO A 47 -6.77 -5.11 14.90
CA PRO A 47 -6.93 -4.91 16.34
C PRO A 47 -8.06 -4.00 16.76
N VAL A 48 -8.51 -3.14 15.89
CA VAL A 48 -9.50 -2.14 16.25
C VAL A 48 -10.99 -2.53 16.12
N CYS A 49 -11.28 -3.65 15.47
CA CYS A 49 -12.64 -4.05 15.26
C CYS A 49 -13.26 -4.52 16.58
N PRO A 50 -14.34 -3.88 17.04
CA PRO A 50 -14.88 -4.21 18.36
C PRO A 50 -15.61 -5.55 18.43
N VAL A 51 -15.96 -6.12 17.27
CA VAL A 51 -16.61 -7.43 17.21
C VAL A 51 -15.71 -8.54 16.62
N GLU A 52 -14.41 -8.27 16.52
CA GLU A 52 -13.41 -9.22 15.97
C GLU A 52 -13.82 -9.85 14.63
N ALA A 53 -14.25 -9.00 13.70
CA ALA A 53 -14.66 -9.45 12.35
C ALA A 53 -13.49 -9.72 11.41
N ILE A 54 -12.34 -9.13 11.70
CA ILE A 54 -11.21 -9.12 10.77
C ILE A 54 -10.16 -10.16 11.15
N TYR A 55 -9.77 -10.95 10.13
CA TYR A 55 -8.77 -12.01 10.25
C TYR A 55 -7.73 -12.02 9.09
N TYR A 56 -6.48 -12.37 9.38
CA TYR A 56 -5.57 -12.67 8.29
C TYR A 56 -6.16 -13.88 7.52
N GLU A 57 -5.96 -13.91 6.21
CA GLU A 57 -6.55 -14.96 5.37
CA GLU A 57 -6.61 -14.95 5.41
C GLU A 57 -6.40 -16.37 5.93
N ASP A 58 -5.19 -16.69 6.39
CA ASP A 58 -4.86 -18.03 6.92
C ASP A 58 -5.57 -18.36 8.25
N ASP A 59 -6.11 -17.34 8.92
CA ASP A 59 -6.70 -17.46 10.27
C ASP A 59 -8.23 -17.36 10.27
N VAL A 60 -8.84 -17.18 9.10
CA VAL A 60 -10.29 -17.15 9.03
C VAL A 60 -10.85 -18.49 9.50
N PRO A 61 -11.72 -18.47 10.53
CA PRO A 61 -12.30 -19.72 11.03
C PRO A 61 -13.05 -20.52 9.96
N ASP A 62 -13.05 -21.85 10.09
CA ASP A 62 -13.75 -22.76 9.15
C ASP A 62 -15.24 -22.39 8.94
N GLN A 63 -15.94 -22.03 10.02
CA GLN A 63 -17.36 -21.66 9.94
C GLN A 63 -17.67 -20.45 9.05
N TRP A 64 -16.70 -19.56 8.93
CA TRP A 64 -16.82 -18.39 8.07
C TRP A 64 -15.88 -18.49 6.87
N SER A 65 -15.49 -19.71 6.49
CA SER A 65 -14.47 -19.87 5.44
C SER A 65 -14.87 -19.28 4.07
N SER A 66 -16.16 -19.10 3.83
CA SER A 66 -16.62 -18.61 2.54
C SER A 66 -16.46 -17.08 2.41
N TYR A 67 -16.18 -16.39 3.51
CA TYR A 67 -16.04 -14.92 3.50
C TYR A 67 -14.84 -14.37 2.72
N ALA A 68 -13.73 -15.11 2.65
CA ALA A 68 -12.62 -14.71 1.78
C ALA A 68 -13.02 -14.53 0.32
N GLN A 69 -13.69 -15.53 -0.27
CA GLN A 69 -14.25 -15.35 -1.61
C GLN A 69 -15.27 -14.21 -1.71
N ALA A 70 -16.04 -14.00 -0.65
CA ALA A 70 -17.05 -12.95 -0.63
C ALA A 70 -16.41 -11.57 -0.73
N ASN A 71 -15.28 -11.38 -0.06
CA ASN A 71 -14.55 -10.12 -0.11
C ASN A 71 -14.05 -9.80 -1.51
N ALA A 72 -13.57 -10.83 -2.21
CA ALA A 72 -13.14 -10.68 -3.60
C ALA A 72 -14.32 -10.41 -4.52
N ASP A 73 -15.39 -11.18 -4.34
CA ASP A 73 -16.61 -11.06 -5.20
C ASP A 73 -17.27 -9.66 -5.15
N PHE A 74 -17.11 -8.95 -4.02
CA PHE A 74 -17.62 -7.58 -3.90
C PHE A 74 -17.13 -6.64 -5.03
N PHE A 75 -15.93 -6.91 -5.54
CA PHE A 75 -15.27 -6.04 -6.52
C PHE A 75 -15.45 -6.50 -7.99
N ALA A 76 -16.37 -7.44 -8.23
CA ALA A 76 -16.66 -7.91 -9.59
C ALA A 76 -16.88 -6.75 -10.59
N GLU A 77 -17.64 -5.73 -10.20
CA GLU A 77 -17.99 -4.59 -11.09
C GLU A 77 -17.18 -3.33 -10.80
N LEU A 78 -16.50 -3.32 -9.65
CA LEU A 78 -15.69 -2.17 -9.25
C LEU A 78 -14.26 -2.21 -9.82
N GLY A 79 -13.73 -3.43 -10.00
CA GLY A 79 -12.34 -3.64 -10.41
C GLY A 79 -11.40 -3.34 -9.25
N SER A 80 -10.41 -2.50 -9.49
CA SER A 80 -9.50 -2.04 -8.44
C SER A 80 -9.42 -0.52 -8.47
N PRO A 81 -10.37 0.15 -7.80
CA PRO A 81 -10.41 1.63 -7.83
C PRO A 81 -9.20 2.29 -7.20
N GLY A 82 -8.51 1.57 -6.30
CA GLY A 82 -7.29 2.08 -5.69
C GLY A 82 -7.54 3.07 -4.58
N GLY A 83 -8.72 3.01 -3.96
CA GLY A 83 -9.07 3.81 -2.77
C GLY A 83 -10.57 3.91 -2.52
N ALA A 84 -11.00 3.49 -1.34
CA ALA A 84 -12.41 3.45 -0.99
C ALA A 84 -13.00 4.84 -0.83
N SER A 85 -12.16 5.81 -0.48
CA SER A 85 -12.66 7.13 -0.09
C SER A 85 -13.50 7.80 -1.19
N LYS A 86 -13.07 7.64 -2.43
CA LYS A 86 -13.75 8.22 -3.57
C LYS A 86 -14.98 7.45 -4.06
N VAL A 87 -15.01 6.15 -3.79
CA VAL A 87 -16.11 5.25 -4.17
C VAL A 87 -17.34 5.41 -3.25
N GLY A 88 -17.08 5.49 -1.94
CA GLY A 88 -18.15 5.52 -0.95
C GLY A 88 -18.92 4.20 -0.89
N GLN A 89 -20.11 4.24 -0.29
CA GLN A 89 -20.92 3.03 -0.15
C GLN A 89 -21.51 2.66 -1.50
N THR A 90 -21.44 1.38 -1.85
CA THR A 90 -22.03 0.89 -3.09
C THR A 90 -22.75 -0.45 -2.86
N ASP A 91 -23.81 -0.71 -3.64
CA ASP A 91 -24.62 -1.90 -3.47
C ASP A 91 -24.04 -3.07 -4.27
N ASN A 92 -22.81 -3.44 -3.92
CA ASN A 92 -22.09 -4.50 -4.63
C ASN A 92 -21.98 -5.80 -3.82
N ASP A 93 -22.69 -5.90 -2.70
CA ASP A 93 -22.60 -7.10 -1.85
C ASP A 93 -22.90 -8.35 -2.67
N PRO A 94 -22.08 -9.40 -2.53
CA PRO A 94 -22.38 -10.66 -3.22
C PRO A 94 -23.69 -11.31 -2.77
N GLN A 95 -24.31 -12.09 -3.66
CA GLN A 95 -25.58 -12.77 -3.37
C GLN A 95 -25.62 -13.43 -1.97
N ALA A 96 -24.57 -14.20 -1.68
CA ALA A 96 -24.45 -14.94 -0.41
C ALA A 96 -24.62 -14.06 0.83
N ILE A 97 -24.15 -12.81 0.77
CA ILE A 97 -24.28 -11.86 1.87
C ILE A 97 -25.64 -11.11 1.79
N LYS A 98 -26.09 -10.78 0.58
CA LYS A 98 -27.40 -10.15 0.39
C LYS A 98 -28.51 -11.01 0.97
N ASP A 99 -28.38 -12.32 0.84
CA ASP A 99 -29.41 -13.25 1.28
C ASP A 99 -29.48 -13.48 2.78
N LEU A 100 -28.45 -13.10 3.54
CA LEU A 100 -28.50 -13.30 4.99
C LEU A 100 -29.69 -12.55 5.65
N PRO A 101 -30.42 -13.19 6.60
CA PRO A 101 -31.47 -12.41 7.28
C PRO A 101 -30.90 -11.21 8.05
N PRO A 102 -31.73 -10.17 8.32
CA PRO A 102 -31.27 -9.06 9.14
C PRO A 102 -30.66 -9.53 10.46
N GLN A 103 -29.56 -8.89 10.87
CA GLN A 103 -28.91 -9.20 12.16
C GLN A 103 -28.82 -7.94 13.03
N GLY A 104 -28.65 -8.14 14.33
CA GLY A 104 -28.51 -7.01 15.24
C GLY A 104 -29.81 -6.28 15.51
N GLU A 105 -29.83 -5.10 15.91
N THR B 1 7.34 7.35 5.80
CA THR B 1 8.05 7.01 4.51
CA THR B 1 8.06 7.13 4.54
C THR B 1 9.53 6.68 4.72
N TYR B 2 10.03 5.87 3.79
CA TYR B 2 11.44 5.63 3.72
C TYR B 2 12.00 6.49 2.58
N VAL B 3 13.32 6.63 2.56
CA VAL B 3 14.07 7.56 1.68
C VAL B 3 15.31 6.82 1.09
N ILE B 4 15.56 7.00 -0.21
CA ILE B 4 16.81 6.53 -0.84
C ILE B 4 17.80 7.71 -0.80
N ALA B 5 18.99 7.48 -0.26
CA ALA B 5 20.01 8.55 -0.13
C ALA B 5 21.23 8.26 -1.06
N GLU B 6 22.28 9.06 -0.90
CA GLU B 6 23.43 9.11 -1.81
C GLU B 6 24.05 7.77 -2.28
N PRO B 7 24.13 6.74 -1.40
CA PRO B 7 24.81 5.54 -1.89
C PRO B 7 24.19 4.88 -3.14
N CYS B 8 22.92 5.18 -3.43
CA CYS B 8 22.28 4.62 -4.64
C CYS B 8 22.85 5.22 -5.93
N VAL B 9 23.37 6.45 -5.85
CA VAL B 9 23.74 7.23 -7.05
C VAL B 9 24.80 6.49 -7.85
N ASP B 10 24.51 6.29 -9.14
CA ASP B 10 25.32 5.54 -10.07
C ASP B 10 25.56 4.05 -9.69
N VAL B 11 24.74 3.51 -8.78
CA VAL B 11 24.76 2.09 -8.48
C VAL B 11 23.45 1.45 -8.99
N LYS B 12 22.30 1.93 -8.52
CA LYS B 12 21.00 1.42 -8.96
C LYS B 12 20.93 -0.13 -9.00
N ASP B 13 21.20 -0.75 -7.86
CA ASP B 13 21.23 -2.22 -7.81
C ASP B 13 19.86 -2.87 -8.14
N LYS B 14 18.78 -2.21 -7.69
CA LYS B 14 17.38 -2.55 -8.01
C LYS B 14 16.87 -3.80 -7.29
N ALA B 15 17.58 -4.23 -6.24
CA ALA B 15 17.09 -5.25 -5.32
C ALA B 15 15.78 -4.83 -4.64
N CYS B 16 15.70 -3.55 -4.30
CA CYS B 16 14.62 -2.97 -3.52
C CYS B 16 13.25 -3.09 -4.20
N ILE B 17 13.19 -2.91 -5.51
CA ILE B 17 11.93 -2.85 -6.24
C ILE B 17 11.22 -4.23 -6.19
N GLU B 18 12.00 -5.30 -6.08
CA GLU B 18 11.46 -6.66 -6.00
C GLU B 18 10.72 -6.99 -4.70
N GLU B 19 10.90 -6.15 -3.67
CA GLU B 19 10.38 -6.38 -2.31
C GLU B 19 9.20 -5.46 -1.97
N CYS B 20 9.03 -4.34 -2.68
CA CYS B 20 8.02 -3.35 -2.30
C CYS B 20 6.59 -3.79 -2.68
N PRO B 21 5.72 -4.00 -1.68
CA PRO B 21 4.34 -4.45 -1.95
C PRO B 21 3.46 -3.52 -2.78
N VAL B 22 3.80 -2.22 -2.79
CA VAL B 22 3.03 -1.21 -3.51
C VAL B 22 3.76 -0.69 -4.75
N ASP B 23 4.98 -1.19 -5.02
CA ASP B 23 5.73 -0.86 -6.25
C ASP B 23 5.87 0.69 -6.35
N CYS B 24 6.29 1.31 -5.24
CA CYS B 24 6.41 2.76 -5.19
C CYS B 24 7.83 3.32 -5.33
N ILE B 25 8.75 2.53 -5.86
CA ILE B 25 10.16 2.94 -5.99
C ILE B 25 10.45 3.11 -7.47
N TYR B 26 10.67 4.34 -7.91
CA TYR B 26 10.75 4.72 -9.33
C TYR B 26 12.18 5.09 -9.75
N GLU B 27 12.50 4.78 -11.02
CA GLU B 27 13.87 4.90 -11.53
C GLU B 27 14.12 6.20 -12.29
N GLY B 28 15.16 6.91 -11.88
CA GLY B 28 15.69 8.05 -12.65
C GLY B 28 16.98 7.68 -13.36
N ALA B 29 17.67 8.66 -13.94
CA ALA B 29 18.97 8.40 -14.57
C ALA B 29 20.09 8.06 -13.58
N ARG B 30 20.08 8.72 -12.42
CA ARG B 30 21.19 8.65 -11.46
C ARG B 30 20.91 7.70 -10.28
N MET B 31 19.64 7.56 -9.92
CA MET B 31 19.27 6.76 -8.75
CA MET B 31 19.21 6.93 -8.67
C MET B 31 17.78 6.37 -8.85
N LEU B 32 17.32 5.59 -7.85
CA LEU B 32 15.88 5.33 -7.65
C LEU B 32 15.37 6.22 -6.52
N TYR B 33 14.03 6.42 -6.50
CA TYR B 33 13.39 7.36 -5.58
C TYR B 33 12.10 6.73 -5.05
N ILE B 34 11.91 6.80 -3.73
CA ILE B 34 10.68 6.30 -3.10
C ILE B 34 9.63 7.41 -3.08
N HIS B 35 8.42 7.13 -3.59
CA HIS B 35 7.36 8.11 -3.61
C HIS B 35 6.77 8.30 -2.21
N PRO B 36 6.92 9.52 -1.61
CA PRO B 36 6.50 9.64 -0.21
C PRO B 36 4.99 9.61 0.07
N ASP B 37 4.19 9.84 -0.96
CA ASP B 37 2.74 9.75 -0.89
C ASP B 37 2.19 8.36 -1.31
N GLU B 38 3.05 7.40 -1.63
CA GLU B 38 2.65 6.01 -1.93
C GLU B 38 3.27 4.96 -0.95
N CYS B 39 4.47 5.24 -0.47
CA CYS B 39 5.11 4.36 0.53
C CYS B 39 4.28 4.31 1.80
N VAL B 40 4.06 3.12 2.33
CA VAL B 40 3.27 2.87 3.54
C VAL B 40 4.12 2.20 4.66
N ASP B 41 5.44 2.39 4.57
CA ASP B 41 6.41 1.95 5.59
C ASP B 41 6.42 0.43 5.71
N CSS B 42 6.25 -0.43 4.49
CA CSS B 42 6.28 -1.88 4.64
CB CSS B 42 5.99 -2.44 3.26
SG CSS B 42 4.29 -2.13 2.79
SD CSS B 42 3.13 -3.30 4.03
C CSS B 42 7.63 -2.35 5.09
O CSS B 42 7.84 -3.32 5.84
N GLY B 43 8.83 -1.50 4.80
CA GLY B 43 10.25 -1.67 5.17
C GLY B 43 10.94 -2.87 4.58
N ALA B 44 10.33 -3.54 3.60
CA ALA B 44 10.93 -4.70 2.91
C ALA B 44 12.14 -4.37 2.05
N CYS B 45 12.19 -3.13 1.55
CA CYS B 45 13.23 -2.65 0.63
C CYS B 45 14.55 -2.42 1.39
N GLU B 46 14.48 -1.97 2.64
CA GLU B 46 15.67 -1.52 3.35
C GLU B 46 16.76 -2.58 3.50
N PRO B 47 16.41 -3.81 3.99
CA PRO B 47 17.46 -4.83 4.17
C PRO B 47 18.13 -5.40 2.91
N VAL B 48 17.52 -5.24 1.74
CA VAL B 48 18.06 -5.89 0.54
C VAL B 48 19.00 -5.00 -0.28
N CYS B 49 19.09 -3.72 0.05
CA CYS B 49 20.01 -2.84 -0.68
C CYS B 49 21.47 -3.09 -0.31
N PRO B 50 22.30 -3.48 -1.30
CA PRO B 50 23.68 -3.88 -0.98
C PRO B 50 24.65 -2.72 -0.58
N VAL B 51 24.23 -1.46 -0.76
CA VAL B 51 25.04 -0.30 -0.38
C VAL B 51 24.40 0.52 0.74
N GLU B 52 23.36 -0.06 1.35
N GLU B 52 23.42 -0.06 1.43
CA GLU B 52 22.67 0.54 2.47
CA GLU B 52 22.69 0.62 2.50
C GLU B 52 22.17 1.97 2.19
C GLU B 52 22.26 2.04 2.14
N ALA B 53 21.59 2.15 1.00
CA ALA B 53 21.14 3.49 0.53
C ALA B 53 19.83 3.94 1.19
N ILE B 54 19.06 2.97 1.73
CA ILE B 54 17.68 3.22 2.18
C ILE B 54 17.56 3.37 3.68
N TYR B 55 16.88 4.44 4.11
CA TYR B 55 16.65 4.70 5.50
C TYR B 55 15.20 5.10 5.73
N TYR B 56 14.65 4.69 6.88
CA TYR B 56 13.39 5.27 7.35
C TYR B 56 13.60 6.79 7.52
N GLU B 57 12.57 7.61 7.26
CA GLU B 57 12.75 9.07 7.29
C GLU B 57 13.40 9.64 8.56
N ASP B 58 13.10 9.08 9.73
CA ASP B 58 13.69 9.57 11.00
C ASP B 58 15.16 9.11 11.19
N ASP B 59 15.63 8.21 10.33
CA ASP B 59 16.95 7.60 10.44
C ASP B 59 17.95 8.12 9.38
N VAL B 60 17.53 9.02 8.49
CA VAL B 60 18.45 9.44 7.41
C VAL B 60 19.64 10.19 8.06
N PRO B 61 20.89 9.80 7.72
CA PRO B 61 22.06 10.49 8.28
C PRO B 61 22.01 12.00 8.00
N ASP B 62 22.45 12.80 8.98
CA ASP B 62 22.31 14.27 8.89
C ASP B 62 22.88 14.89 7.59
N GLN B 63 24.02 14.36 7.13
CA GLN B 63 24.67 14.88 5.94
C GLN B 63 23.78 14.72 4.69
N TRP B 64 22.79 13.81 4.77
CA TRP B 64 21.89 13.48 3.66
C TRP B 64 20.43 13.88 3.92
N SER B 65 20.21 14.78 4.87
CA SER B 65 18.85 15.18 5.20
C SER B 65 18.04 15.70 3.98
N SER B 66 18.72 16.32 3.01
CA SER B 66 18.07 16.86 1.80
C SER B 66 17.57 15.81 0.86
N TYR B 67 18.02 14.57 1.03
CA TYR B 67 17.52 13.51 0.17
C TYR B 67 16.02 13.24 0.33
N ALA B 68 15.43 13.44 1.52
CA ALA B 68 13.99 13.27 1.70
C ALA B 68 13.22 14.16 0.70
N GLN B 69 13.53 15.46 0.71
CA GLN B 69 12.88 16.38 -0.22
C GLN B 69 13.23 16.07 -1.68
N ALA B 70 14.41 15.50 -1.95
CA ALA B 70 14.81 15.13 -3.29
C ALA B 70 13.97 13.96 -3.83
N ASN B 71 13.66 12.98 -2.95
CA ASN B 71 12.81 11.86 -3.32
C ASN B 71 11.40 12.40 -3.66
N ALA B 72 10.91 13.36 -2.88
CA ALA B 72 9.63 14.06 -3.15
C ALA B 72 9.66 14.81 -4.48
N ASP B 73 10.71 15.61 -4.67
CA ASP B 73 10.87 16.44 -5.86
C ASP B 73 10.96 15.69 -7.18
N PHE B 74 11.40 14.43 -7.14
CA PHE B 74 11.36 13.58 -8.35
C PHE B 74 9.96 13.53 -9.01
N PHE B 75 8.92 13.65 -8.19
CA PHE B 75 7.53 13.46 -8.66
C PHE B 75 6.79 14.75 -8.96
N ALA B 76 7.53 15.86 -9.01
CA ALA B 76 6.91 17.14 -9.28
C ALA B 76 6.04 17.10 -10.54
N GLU B 77 6.52 16.44 -11.59
CA GLU B 77 5.72 16.37 -12.81
C GLU B 77 4.94 15.06 -12.93
N LEU B 78 5.42 13.99 -12.31
CA LEU B 78 4.84 12.65 -12.44
C LEU B 78 3.53 12.46 -11.64
N GLY B 79 3.31 13.27 -10.61
CA GLY B 79 2.19 13.06 -9.70
C GLY B 79 2.37 11.75 -8.95
N SER B 80 1.29 10.97 -8.86
CA SER B 80 1.28 9.71 -8.10
C SER B 80 0.78 8.61 -9.01
N PRO B 81 1.69 7.98 -9.77
CA PRO B 81 1.24 7.00 -10.78
C PRO B 81 0.62 5.73 -10.27
N GLY B 82 0.88 5.39 -9.01
CA GLY B 82 0.34 4.16 -8.41
C GLY B 82 0.99 2.86 -8.82
N GLY B 83 2.23 2.94 -9.32
CA GLY B 83 3.01 1.75 -9.67
C GLY B 83 4.15 2.07 -10.63
N ALA B 84 5.38 1.75 -10.23
CA ALA B 84 6.57 2.09 -11.01
C ALA B 84 6.79 1.20 -12.23
N SER B 85 6.31 -0.05 -12.21
CA SER B 85 6.58 -1.00 -13.30
C SER B 85 6.13 -0.44 -14.66
N LYS B 86 4.96 0.19 -14.69
CA LYS B 86 4.42 0.72 -15.94
CA LYS B 86 4.41 0.73 -15.93
C LYS B 86 5.09 2.04 -16.41
N VAL B 87 5.83 2.71 -15.52
CA VAL B 87 6.49 3.95 -15.93
C VAL B 87 7.95 3.80 -16.40
N GLY B 88 8.69 2.83 -15.86
CA GLY B 88 10.10 2.61 -16.24
C GLY B 88 10.97 3.79 -15.86
N GLN B 89 12.12 3.91 -16.53
CA GLN B 89 13.07 5.00 -16.23
C GLN B 89 12.60 6.30 -16.85
N THR B 90 12.70 7.39 -16.09
CA THR B 90 12.34 8.74 -16.56
C THR B 90 13.41 9.77 -16.13
N ASP B 91 13.51 10.88 -16.86
CA ASP B 91 14.61 11.82 -16.58
C ASP B 91 14.21 12.91 -15.59
N ASN B 92 13.50 12.53 -14.53
CA ASN B 92 12.95 13.46 -13.57
C ASN B 92 13.88 13.75 -12.37
N ASP B 93 15.12 13.26 -12.41
CA ASP B 93 16.08 13.51 -11.32
C ASP B 93 16.17 15.01 -11.02
N PRO B 94 16.06 15.38 -9.74
CA PRO B 94 16.29 16.81 -9.42
C PRO B 94 17.68 17.30 -9.88
N GLN B 95 17.76 18.59 -10.20
CA GLN B 95 18.98 19.18 -10.73
C GLN B 95 20.20 18.95 -9.84
N ALA B 96 20.02 19.11 -8.54
CA ALA B 96 21.12 18.92 -7.60
C ALA B 96 21.71 17.51 -7.69
N ILE B 97 20.88 16.52 -8.03
CA ILE B 97 21.34 15.15 -8.25
C ILE B 97 21.93 14.93 -9.66
N LYS B 98 21.31 15.51 -10.69
CA LYS B 98 21.94 15.55 -12.01
C LYS B 98 23.38 16.12 -11.95
N ASP B 99 23.58 17.13 -11.10
CA ASP B 99 24.87 17.85 -11.02
C ASP B 99 25.96 17.09 -10.25
N LEU B 100 25.61 16.03 -9.52
CA LEU B 100 26.60 15.29 -8.70
C LEU B 100 27.75 14.73 -9.56
N PRO B 101 28.99 14.77 -9.04
CA PRO B 101 30.05 13.98 -9.69
C PRO B 101 29.76 12.48 -9.73
N PRO B 102 30.49 11.69 -10.56
CA PRO B 102 30.28 10.24 -10.58
C PRO B 102 30.55 9.66 -9.20
N GLN B 103 29.80 8.65 -8.79
CA GLN B 103 29.92 8.13 -7.43
C GLN B 103 30.19 6.62 -7.45
FE1 F3S C . -4.84 -4.85 4.56
FE3 F3S C . -5.81 -4.13 7.02
FE4 F3S C . -5.14 -2.27 5.19
S1 F3S C . -4.28 -5.76 6.57
S2 F3S C . -3.36 -3.17 4.05
S3 F3S C . -6.84 -3.86 4.98
S4 F3S C . -4.73 -2.15 7.47
FE1 F3S D . -14.72 -2.59 10.37
FE3 F3S D . -16.91 -4.08 10.26
FE4 F3S D . -15.35 -4.17 12.41
S1 F3S D . -16.77 -2.08 9.54
S2 F3S D . -14.46 -2.13 12.57
S3 F3S D . -14.89 -4.77 10.29
S4 F3S D . -17.65 -4.30 12.27
FE1 F3S E . 7.91 2.00 1.46
FE3 F3S E . 7.74 -0.16 -0.23
FE4 F3S E . 10.02 0.23 1.18
S1 F3S E . 6.05 0.64 1.14
S2 F3S E . 9.17 1.10 3.10
S3 F3S E . 9.19 1.66 -0.43
S4 F3S E . 8.95 -1.78 0.87
FE1 F3S F . 17.58 0.07 -4.65
FE3 F3S F . 19.43 1.87 -5.19
FE4 F3S F . 19.89 0.04 -3.37
S1 F3S F . 18.14 0.94 -6.67
S2 F3S F . 18.77 -1.78 -4.01
S3 F3S F . 18.33 1.68 -3.27
S4 F3S F . 21.37 0.96 -4.89
C ACT G . 21.29 16.76 -2.75
O ACT G . 20.37 15.98 -2.42
OXT ACT G . 21.25 17.89 -2.23
CH3 ACT G . 22.36 16.38 -3.74
#